data_1RHC
#
_entry.id   1RHC
#
_cell.length_a   86.824
_cell.length_b   156.316
_cell.length_c   60.199
_cell.angle_alpha   90.00
_cell.angle_beta   90.00
_cell.angle_gamma   90.00
#
_symmetry.space_group_name_H-M   'C 2 2 21'
#
loop_
_entity.id
_entity.type
_entity.pdbx_description
1 polymer 'F420-dependent alcohol dehydrogenase'
2 non-polymer 'CHLORIDE ION'
3 non-polymer 'POTASSIUM ION'
4 non-polymer 'COENZYME F420'
5 non-polymer ACETONE
6 water water
#
_entity_poly.entity_id   1
_entity_poly.type   'polypeptide(L)'
_entity_poly.pdbx_seq_one_letter_code
;MKTQIGYFASLEQYRPMDALEQAIRAEKVGFDSVWVDDHFHPWYHDNAQSAQAWAWMGAALQATKKVFISTCITCPIMRY
NPAIVAQTFATLRQMYPGRVGVAVGAGEAMNEVPVTGEWPSVPVRQDMTVEAVKVMRMLWESDKPVTFKGDYFTLDKAFL
YTKPDDEVPLYFSGMGPKGAKLAGMYGDHLMTVAAAPSTLKNVTIPKFEEGAREAGKDPSKMEHAMLIWYSVDPDYDKAV
EALRFWAGCLVPSMFKYKVYDPKEVQLHANLVHCDTIKENYMCATDAEEMIKEIERFKEAGINHFCLGNSSPDVNFGIDI
FKEVIPAVRD
;
_entity_poly.pdbx_strand_id   A
#
loop_
_chem_comp.id
_chem_comp.type
_chem_comp.name
_chem_comp.formula
ACN non-polymer ACETONE 'C3 H6 O'
CL non-polymer 'CHLORIDE ION' 'Cl -1'
F42 non-polymer 'COENZYME F420' 'C29 H36 N5 O18 P'
K non-polymer 'POTASSIUM ION' 'K 1'
#
# COMPACT_ATOMS: atom_id res chain seq x y z
N MET A 1 -16.45 2.14 -12.32
CA MET A 1 -15.73 1.66 -11.11
C MET A 1 -16.27 2.35 -9.84
N LYS A 2 -16.80 1.55 -8.92
CA LYS A 2 -17.35 2.09 -7.67
C LYS A 2 -16.24 2.54 -6.71
N THR A 3 -16.49 3.61 -5.97
CA THR A 3 -15.52 4.14 -5.01
C THR A 3 -15.53 3.32 -3.72
N GLN A 4 -14.36 2.85 -3.29
CA GLN A 4 -14.26 2.11 -2.05
C GLN A 4 -13.38 2.94 -1.12
N ILE A 5 -13.71 2.96 0.17
CA ILE A 5 -12.94 3.76 1.12
C ILE A 5 -12.34 2.81 2.15
N GLY A 6 -11.02 2.74 2.17
CA GLY A 6 -10.33 1.84 3.08
C GLY A 6 -9.49 2.58 4.10
N TYR A 7 -9.10 1.85 5.14
CA TYR A 7 -8.35 2.39 6.25
C TYR A 7 -6.96 1.78 6.29
N PHE A 8 -5.93 2.63 6.39
CA PHE A 8 -4.55 2.15 6.42
C PHE A 8 -4.18 2.20 7.91
N ALA A 9 -3.93 1.02 8.49
CA ALA A 9 -3.58 0.87 9.91
C ALA A 9 -2.08 0.64 9.98
N SER A 10 -1.31 1.68 10.33
CA SER A 10 0.14 1.57 10.31
C SER A 10 0.81 0.81 11.42
N LEU A 11 1.73 -0.09 11.04
CA LEU A 11 2.51 -0.87 11.98
C LEU A 11 3.86 -0.17 12.20
N GLU A 12 4.01 1.05 11.68
CA GLU A 12 5.22 1.83 11.89
C GLU A 12 4.89 2.96 12.89
N GLN A 13 3.76 3.59 12.67
CA GLN A 13 3.35 4.71 13.53
C GLN A 13 2.69 4.24 14.83
N TYR A 14 2.17 3.02 14.85
CA TYR A 14 1.49 2.51 16.05
C TYR A 14 1.97 1.13 16.41
N ARG A 15 1.80 0.76 17.68
CA ARG A 15 2.14 -0.61 18.10
C ARG A 15 1.14 -1.51 17.40
N PRO A 16 1.54 -2.77 17.11
CA PRO A 16 0.61 -3.66 16.42
C PRO A 16 -0.74 -3.94 17.04
N MET A 17 -0.82 -4.07 18.37
CA MET A 17 -2.13 -4.30 18.97
C MET A 17 -2.98 -3.02 18.86
N ASP A 18 -2.35 -1.86 18.93
CA ASP A 18 -3.09 -0.61 18.76
C ASP A 18 -3.64 -0.54 17.31
N ALA A 19 -2.81 -0.90 16.33
CA ALA A 19 -3.27 -0.91 14.93
C ALA A 19 -4.42 -1.90 14.72
N LEU A 20 -4.39 -3.04 15.44
CA LEU A 20 -5.47 -4.04 15.36
C LEU A 20 -6.77 -3.43 15.88
N GLU A 21 -6.71 -2.75 17.02
CA GLU A 21 -7.90 -2.10 17.56
C GLU A 21 -8.45 -1.03 16.61
N GLN A 22 -7.55 -0.28 15.96
CA GLN A 22 -8.00 0.70 14.98
C GLN A 22 -8.72 0.02 13.81
N ALA A 23 -8.20 -1.13 13.37
CA ALA A 23 -8.82 -1.85 12.27
C ALA A 23 -10.24 -2.33 12.62
N ILE A 24 -10.41 -2.83 13.83
CA ILE A 24 -11.72 -3.27 14.29
C ILE A 24 -12.68 -2.06 14.33
N ARG A 25 -12.22 -0.94 14.87
CA ARG A 25 -13.06 0.27 14.93
C ARG A 25 -13.40 0.80 13.51
N ALA A 26 -12.44 0.73 12.59
CA ALA A 26 -12.63 1.18 11.22
C ALA A 26 -13.73 0.37 10.56
N GLU A 27 -13.71 -0.93 10.79
CA GLU A 27 -14.75 -1.80 10.21
C GLU A 27 -16.12 -1.38 10.72
N LYS A 28 -16.20 -1.13 12.02
CA LYS A 28 -17.48 -0.76 12.62
C LYS A 28 -18.01 0.57 12.08
N VAL A 29 -17.13 1.51 11.83
CA VAL A 29 -17.50 2.83 11.31
C VAL A 29 -17.94 2.77 9.85
N GLY A 30 -17.54 1.72 9.14
CA GLY A 30 -17.99 1.58 7.76
C GLY A 30 -16.94 1.51 6.66
N PHE A 31 -15.66 1.48 7.02
CA PHE A 31 -14.64 1.37 5.96
C PHE A 31 -14.80 0.04 5.25
N ASP A 32 -14.49 0.03 3.96
CA ASP A 32 -14.66 -1.18 3.15
C ASP A 32 -13.50 -2.14 3.26
N SER A 33 -12.34 -1.61 3.58
CA SER A 33 -11.16 -2.43 3.58
C SER A 33 -10.13 -1.85 4.54
N VAL A 34 -9.13 -2.66 4.86
CA VAL A 34 -8.06 -2.26 5.76
C VAL A 34 -6.77 -2.64 5.06
N TRP A 35 -5.80 -1.74 5.11
CA TRP A 35 -4.51 -1.91 4.45
C TRP A 35 -3.41 -1.74 5.47
N VAL A 36 -2.31 -2.45 5.29
CA VAL A 36 -1.25 -2.37 6.27
C VAL A 36 0.11 -2.32 5.62
N ASP A 37 0.99 -1.49 6.16
CA ASP A 37 2.34 -1.37 5.60
C ASP A 37 3.18 -2.59 5.96
N ASP A 38 4.16 -2.92 5.11
CA ASP A 38 4.99 -4.12 5.30
C ASP A 38 6.44 -3.64 5.32
N HIS A 39 6.93 -3.35 6.52
CA HIS A 39 8.26 -2.78 6.71
C HIS A 39 9.12 -3.57 7.66
N PHE A 40 10.44 -3.32 7.56
CA PHE A 40 11.42 -3.83 8.50
C PHE A 40 11.91 -2.60 9.30
N HIS A 41 12.25 -1.48 8.63
CA HIS A 41 12.61 -0.23 9.33
C HIS A 41 11.55 0.82 9.02
N PRO A 42 11.24 1.72 9.99
CA PRO A 42 10.23 2.76 9.82
C PRO A 42 10.70 4.06 9.15
N TRP A 43 9.75 4.82 8.62
CA TRP A 43 10.00 6.09 7.93
C TRP A 43 10.43 7.22 8.85
N TYR A 44 10.38 6.95 10.15
CA TYR A 44 10.73 7.96 11.13
C TYR A 44 11.34 7.22 12.30
N HIS A 45 12.23 7.87 13.03
CA HIS A 45 12.86 7.18 14.14
C HIS A 45 12.14 7.32 15.49
N ASP A 46 11.79 8.55 15.85
CA ASP A 46 11.18 8.80 17.15
C ASP A 46 9.82 8.12 17.38
N ASN A 47 9.73 7.37 18.47
CA ASN A 47 8.48 6.69 18.84
C ASN A 47 7.93 5.75 17.78
N ALA A 48 8.82 5.24 16.92
CA ALA A 48 8.39 4.36 15.83
C ALA A 48 8.40 2.86 16.18
N GLN A 49 7.64 2.10 15.40
CA GLN A 49 7.56 0.64 15.50
C GLN A 49 7.83 0.13 14.08
N SER A 50 7.91 -1.19 13.91
CA SER A 50 7.93 -1.80 12.57
C SER A 50 7.54 -3.25 12.79
N ALA A 51 6.24 -3.47 12.96
CA ALA A 51 5.74 -4.86 13.24
C ALA A 51 5.65 -5.65 11.93
N GLN A 52 5.74 -6.98 12.03
CA GLN A 52 5.71 -7.82 10.83
C GLN A 52 4.27 -7.96 10.36
N ALA A 53 4.04 -7.57 9.13
CA ALA A 53 2.68 -7.48 8.60
C ALA A 53 1.89 -8.74 8.38
N TRP A 54 2.57 -9.84 8.02
CA TRP A 54 1.85 -11.07 7.72
C TRP A 54 1.27 -11.70 8.97
N ALA A 55 2.07 -11.73 10.03
CA ALA A 55 1.61 -12.26 11.32
C ALA A 55 0.44 -11.38 11.80
N TRP A 56 0.58 -10.06 11.68
CA TRP A 56 -0.47 -9.14 12.11
C TRP A 56 -1.76 -9.39 11.29
N MET A 57 -1.60 -9.64 9.99
CA MET A 57 -2.79 -9.85 9.16
C MET A 57 -3.60 -11.05 9.58
N GLY A 58 -2.94 -12.14 10.00
CA GLY A 58 -3.68 -13.31 10.45
C GLY A 58 -4.55 -12.93 11.66
N ALA A 59 -3.95 -12.16 12.57
CA ALA A 59 -4.72 -11.72 13.73
C ALA A 59 -5.87 -10.77 13.32
N ALA A 60 -5.61 -9.84 12.41
CA ALA A 60 -6.65 -8.85 12.03
C ALA A 60 -7.80 -9.47 11.29
N LEU A 61 -7.51 -10.43 10.39
CA LEU A 61 -8.57 -11.14 9.67
C LEU A 61 -9.44 -11.93 10.66
N GLN A 62 -8.81 -12.55 11.66
CA GLN A 62 -9.54 -13.32 12.64
C GLN A 62 -10.39 -12.41 13.55
N ALA A 63 -9.87 -11.24 13.88
CA ALA A 63 -10.59 -10.28 14.76
C ALA A 63 -11.72 -9.49 14.10
N THR A 64 -11.69 -9.39 12.78
CA THR A 64 -12.72 -8.65 12.06
C THR A 64 -13.75 -9.54 11.40
N LYS A 65 -14.78 -8.96 10.81
CA LYS A 65 -15.83 -9.77 10.26
C LYS A 65 -15.92 -9.85 8.77
N LYS A 66 -15.83 -8.71 8.10
CA LYS A 66 -16.00 -8.75 6.67
C LYS A 66 -15.07 -7.93 5.81
N VAL A 67 -14.38 -6.95 6.37
CA VAL A 67 -13.52 -6.08 5.55
C VAL A 67 -12.49 -6.84 4.77
N PHE A 68 -12.16 -6.33 3.59
CA PHE A 68 -11.10 -6.89 2.76
C PHE A 68 -9.80 -6.35 3.37
N ILE A 69 -8.76 -7.18 3.48
CA ILE A 69 -7.50 -6.72 4.04
C ILE A 69 -6.37 -7.12 3.09
N SER A 70 -5.44 -6.19 2.89
CA SER A 70 -4.30 -6.42 2.02
C SER A 70 -3.12 -5.63 2.56
N THR A 71 -1.92 -6.07 2.22
CA THR A 71 -0.74 -5.29 2.54
C THR A 71 -0.69 -4.12 1.55
N CYS A 72 0.12 -3.15 1.89
CA CYS A 72 0.21 -1.90 1.15
C CYS A 72 1.57 -1.28 1.48
N ILE A 73 2.68 -1.79 0.91
CA ILE A 73 2.69 -2.94 -0.01
C ILE A 73 3.78 -3.89 0.48
N THR A 74 3.85 -5.07 -0.14
CA THR A 74 4.84 -6.07 0.22
C THR A 74 5.87 -6.15 -0.90
N CYS A 75 7.14 -5.85 -0.60
CA CYS A 75 8.23 -5.94 -1.60
C CYS A 75 8.61 -7.42 -1.62
N PRO A 76 8.39 -8.10 -2.76
CA PRO A 76 8.69 -9.53 -2.84
C PRO A 76 10.00 -9.95 -3.46
N ILE A 77 11.03 -9.12 -3.41
CA ILE A 77 12.25 -9.43 -4.14
C ILE A 77 13.58 -9.67 -3.46
N MET A 78 13.71 -9.32 -2.18
CA MET A 78 15.00 -9.49 -1.52
C MET A 78 14.87 -10.11 -0.14
N ARG A 79 14.41 -9.34 0.85
CA ARG A 79 14.30 -9.90 2.19
C ARG A 79 13.21 -10.98 2.22
N TYR A 80 12.27 -10.94 1.27
CA TYR A 80 11.20 -11.95 1.17
C TYR A 80 11.41 -12.73 -0.14
N ASN A 81 11.17 -14.02 -0.11
CA ASN A 81 11.28 -14.89 -1.30
C ASN A 81 9.87 -14.83 -1.89
N PRO A 82 9.74 -14.55 -3.19
CA PRO A 82 8.41 -14.45 -3.79
C PRO A 82 7.49 -15.66 -3.71
N ALA A 83 8.06 -16.85 -3.69
CA ALA A 83 7.25 -18.05 -3.56
C ALA A 83 6.61 -18.10 -2.15
N ILE A 84 7.35 -17.63 -1.14
CA ILE A 84 6.84 -17.58 0.22
C ILE A 84 5.74 -16.50 0.31
N VAL A 85 5.89 -15.39 -0.39
CA VAL A 85 4.83 -14.37 -0.40
C VAL A 85 3.60 -14.98 -1.03
N ALA A 86 3.80 -15.73 -2.12
CA ALA A 86 2.67 -16.38 -2.77
C ALA A 86 1.95 -17.33 -1.81
N GLN A 87 2.72 -18.10 -1.05
CA GLN A 87 2.14 -19.07 -0.12
C GLN A 87 1.37 -18.35 1.01
N THR A 88 1.97 -17.30 1.56
CA THR A 88 1.34 -16.59 2.67
C THR A 88 -0.06 -16.07 2.34
N PHE A 89 -0.20 -15.41 1.21
CA PHE A 89 -1.50 -14.84 0.86
C PHE A 89 -2.48 -15.86 0.34
N ALA A 90 -1.99 -16.93 -0.28
CA ALA A 90 -2.91 -18.01 -0.68
C ALA A 90 -3.47 -18.67 0.60
N THR A 91 -2.62 -18.85 1.61
CA THR A 91 -3.07 -19.44 2.86
C THR A 91 -4.14 -18.56 3.53
N LEU A 92 -3.88 -17.25 3.63
CA LEU A 92 -4.84 -16.38 4.29
C LEU A 92 -6.16 -16.31 3.52
N ARG A 93 -6.08 -16.27 2.19
CA ARG A 93 -7.32 -16.24 1.42
C ARG A 93 -8.08 -17.57 1.52
N GLN A 94 -7.38 -18.69 1.69
CA GLN A 94 -8.14 -19.93 1.87
C GLN A 94 -8.89 -19.89 3.22
N MET A 95 -8.22 -19.35 4.24
CA MET A 95 -8.84 -19.23 5.56
C MET A 95 -9.99 -18.23 5.65
N TYR A 96 -9.87 -17.12 4.92
CA TYR A 96 -10.84 -16.01 4.94
C TYR A 96 -11.23 -15.72 3.49
N PRO A 97 -12.08 -16.58 2.92
CA PRO A 97 -12.51 -16.43 1.52
C PRO A 97 -12.97 -15.05 1.18
N GLY A 98 -12.49 -14.57 0.02
CA GLY A 98 -12.84 -13.26 -0.51
C GLY A 98 -12.41 -12.04 0.28
N ARG A 99 -11.63 -12.20 1.34
CA ARG A 99 -11.25 -11.07 2.18
C ARG A 99 -9.77 -10.72 2.13
N VAL A 100 -9.03 -11.35 1.23
CA VAL A 100 -7.56 -11.14 1.24
C VAL A 100 -6.95 -10.75 -0.09
N GLY A 101 -6.07 -9.77 -0.05
CA GLY A 101 -5.36 -9.34 -1.25
C GLY A 101 -3.92 -9.08 -0.90
N VAL A 102 -3.10 -8.81 -1.92
CA VAL A 102 -1.70 -8.44 -1.65
C VAL A 102 -1.34 -7.33 -2.64
N ALA A 103 -0.44 -6.42 -2.24
CA ALA A 103 0.04 -5.38 -3.16
C ALA A 103 1.54 -5.55 -3.15
N VAL A 104 2.16 -5.34 -4.30
CA VAL A 104 3.61 -5.48 -4.40
C VAL A 104 4.24 -4.24 -5.01
N GLY A 105 5.55 -4.11 -4.85
CA GLY A 105 6.25 -2.96 -5.37
C GLY A 105 7.74 -3.22 -5.31
N ALA A 106 8.52 -2.34 -5.96
CA ALA A 106 9.96 -2.45 -6.04
C ALA A 106 10.82 -2.29 -4.80
N GLY A 107 10.22 -1.87 -3.70
CA GLY A 107 10.97 -1.77 -2.45
C GLY A 107 11.50 -0.41 -2.04
N GLU A 108 12.02 -0.37 -0.82
CA GLU A 108 12.61 0.83 -0.21
C GLU A 108 13.89 0.35 0.45
N ALA A 109 14.95 1.14 0.36
CA ALA A 109 16.21 0.68 0.95
C ALA A 109 16.12 0.43 2.44
N MET A 110 15.27 1.20 3.13
CA MET A 110 15.14 1.08 4.58
C MET A 110 14.67 -0.31 5.05
N ASN A 111 13.99 -1.05 4.17
CA ASN A 111 13.54 -2.40 4.55
C ASN A 111 14.48 -3.50 4.06
N GLU A 112 14.98 -3.32 2.85
CA GLU A 112 15.81 -4.36 2.25
C GLU A 112 17.28 -4.36 2.64
N VAL A 113 17.87 -3.17 2.72
CA VAL A 113 19.29 -3.14 3.03
C VAL A 113 19.72 -3.66 4.39
N PRO A 114 19.01 -3.26 5.46
CA PRO A 114 19.44 -3.73 6.78
C PRO A 114 19.57 -5.23 6.94
N VAL A 115 18.86 -6.01 6.15
CA VAL A 115 18.92 -7.45 6.32
C VAL A 115 19.51 -8.22 5.17
N THR A 116 20.05 -7.49 4.18
CA THR A 116 20.70 -8.14 3.03
C THR A 116 22.01 -7.43 2.66
N GLY A 117 22.11 -6.14 2.96
CA GLY A 117 23.33 -5.41 2.62
C GLY A 117 23.39 -5.03 1.14
N GLU A 118 22.32 -5.31 0.40
CA GLU A 118 22.30 -5.01 -1.04
C GLU A 118 21.24 -4.00 -1.47
N TRP A 119 21.51 -3.28 -2.55
CA TRP A 119 20.54 -2.33 -3.03
C TRP A 119 20.75 -2.10 -4.53
N PRO A 120 20.04 -2.85 -5.37
CA PRO A 120 20.18 -2.66 -6.81
C PRO A 120 19.48 -1.42 -7.29
N SER A 121 19.73 -1.05 -8.54
CA SER A 121 19.15 0.15 -9.17
C SER A 121 17.65 0.03 -9.38
N VAL A 122 17.00 1.16 -9.64
CA VAL A 122 15.57 1.10 -9.87
C VAL A 122 15.16 0.17 -11.01
N PRO A 123 15.81 0.29 -12.19
CA PRO A 123 15.39 -0.62 -13.26
C PRO A 123 15.60 -2.08 -12.94
N VAL A 124 16.66 -2.39 -12.19
CA VAL A 124 16.88 -3.78 -11.82
C VAL A 124 15.79 -4.23 -10.83
N ARG A 125 15.48 -3.40 -9.83
CA ARG A 125 14.44 -3.78 -8.88
C ARG A 125 13.08 -3.91 -9.57
N GLN A 126 12.80 -3.05 -10.56
CA GLN A 126 11.54 -3.18 -11.26
C GLN A 126 11.53 -4.50 -12.02
N ASP A 127 12.66 -4.85 -12.62
CA ASP A 127 12.76 -6.11 -13.36
C ASP A 127 12.56 -7.30 -12.39
N MET A 128 13.16 -7.21 -11.21
CA MET A 128 13.02 -8.30 -10.24
C MET A 128 11.57 -8.39 -9.80
N THR A 129 10.91 -7.24 -9.67
CA THR A 129 9.52 -7.26 -9.22
C THR A 129 8.64 -7.92 -10.25
N VAL A 130 8.93 -7.68 -11.53
CA VAL A 130 8.10 -8.32 -12.56
C VAL A 130 8.32 -9.84 -12.52
N GLU A 131 9.56 -10.27 -12.34
CA GLU A 131 9.80 -11.71 -12.28
C GLU A 131 9.16 -12.33 -11.02
N ALA A 132 9.15 -11.57 -9.93
CA ALA A 132 8.53 -12.08 -8.70
C ALA A 132 7.04 -12.30 -8.91
N VAL A 133 6.38 -11.36 -9.58
CA VAL A 133 4.97 -11.48 -9.86
C VAL A 133 4.70 -12.70 -10.73
N LYS A 134 5.59 -12.94 -11.69
CA LYS A 134 5.45 -14.12 -12.55
C LYS A 134 5.50 -15.41 -11.70
N VAL A 135 6.44 -15.46 -10.78
CA VAL A 135 6.58 -16.58 -9.84
C VAL A 135 5.32 -16.76 -9.01
N MET A 136 4.79 -15.66 -8.48
CA MET A 136 3.60 -15.75 -7.66
C MET A 136 2.42 -16.27 -8.48
N ARG A 137 2.24 -15.73 -9.68
CA ARG A 137 1.12 -16.17 -10.52
C ARG A 137 1.24 -17.64 -10.93
N MET A 138 2.44 -18.07 -11.31
CA MET A 138 2.65 -19.48 -11.68
C MET A 138 2.22 -20.37 -10.52
N LEU A 139 2.61 -19.99 -9.30
CA LEU A 139 2.26 -20.82 -8.16
C LEU A 139 0.78 -20.76 -7.83
N TRP A 140 0.18 -19.59 -7.97
CA TRP A 140 -1.24 -19.49 -7.68
C TRP A 140 -2.13 -20.20 -8.71
N GLU A 141 -1.68 -20.16 -9.95
CA GLU A 141 -2.49 -20.67 -11.06
C GLU A 141 -2.22 -22.07 -11.57
N SER A 142 -1.06 -22.63 -11.24
CA SER A 142 -0.72 -23.96 -11.78
C SER A 142 -1.38 -25.14 -11.09
N ASP A 143 -1.70 -26.17 -11.87
CA ASP A 143 -2.34 -27.37 -11.35
C ASP A 143 -1.34 -28.49 -11.19
N LYS A 144 -0.09 -28.23 -11.58
CA LYS A 144 0.99 -29.21 -11.43
C LYS A 144 2.24 -28.47 -10.96
N PRO A 145 3.25 -29.21 -10.45
CA PRO A 145 4.48 -28.57 -9.99
C PRO A 145 5.14 -27.82 -11.11
N VAL A 146 5.74 -26.69 -10.78
CA VAL A 146 6.39 -25.91 -11.81
C VAL A 146 7.87 -25.77 -11.54
N THR A 147 8.66 -25.79 -12.61
CA THR A 147 10.10 -25.61 -12.50
C THR A 147 10.42 -24.36 -13.31
N PHE A 148 11.19 -23.45 -12.72
CA PHE A 148 11.45 -22.19 -13.38
C PHE A 148 12.78 -21.64 -12.96
N LYS A 149 13.59 -21.26 -13.94
CA LYS A 149 14.89 -20.71 -13.64
C LYS A 149 14.92 -19.32 -14.22
N GLY A 150 14.62 -18.33 -13.39
CA GLY A 150 14.61 -16.97 -13.90
C GLY A 150 15.95 -16.33 -13.68
N ASP A 151 16.02 -15.04 -13.97
CA ASP A 151 17.27 -14.33 -13.75
C ASP A 151 17.58 -14.14 -12.29
N TYR A 152 16.52 -14.09 -11.47
CA TYR A 152 16.68 -13.85 -10.03
C TYR A 152 16.12 -14.95 -9.14
N PHE A 153 15.00 -15.52 -9.54
CA PHE A 153 14.35 -16.52 -8.70
C PHE A 153 14.30 -17.90 -9.32
N THR A 154 14.23 -18.91 -8.44
CA THR A 154 14.17 -20.31 -8.86
C THR A 154 12.99 -21.06 -8.27
N LEU A 155 12.31 -21.86 -9.10
CA LEU A 155 11.29 -22.77 -8.60
C LEU A 155 11.74 -24.17 -9.09
N ASP A 156 11.69 -25.16 -8.22
CA ASP A 156 12.17 -26.52 -8.55
C ASP A 156 11.06 -27.48 -8.13
N LYS A 157 10.22 -27.89 -9.09
CA LYS A 157 9.09 -28.77 -8.84
C LYS A 157 8.20 -28.22 -7.70
N ALA A 158 8.02 -26.90 -7.68
CA ALA A 158 7.25 -26.22 -6.63
C ALA A 158 5.77 -26.27 -6.87
N PHE A 159 5.00 -26.51 -5.81
CA PHE A 159 3.55 -26.58 -5.93
C PHE A 159 2.89 -26.00 -4.67
N LEU A 160 1.82 -25.22 -4.83
CA LEU A 160 1.12 -24.71 -3.66
C LEU A 160 -0.01 -25.67 -3.31
N TYR A 161 0.18 -26.46 -2.25
CA TYR A 161 -0.82 -27.40 -1.80
C TYR A 161 -2.02 -26.72 -1.15
N THR A 162 -1.82 -25.50 -0.64
CA THR A 162 -2.91 -24.76 -0.02
C THR A 162 -3.27 -23.59 -0.89
N LYS A 163 -4.40 -23.71 -1.58
CA LYS A 163 -4.85 -22.64 -2.45
C LYS A 163 -6.25 -22.18 -2.10
N PRO A 164 -6.57 -20.90 -2.36
CA PRO A 164 -7.92 -20.41 -2.03
C PRO A 164 -8.90 -20.83 -3.15
N ASP A 165 -10.19 -20.58 -2.97
CA ASP A 165 -11.18 -20.93 -4.00
C ASP A 165 -10.99 -20.09 -5.24
N ASP A 166 -10.66 -18.82 -5.08
CA ASP A 166 -10.39 -17.97 -6.23
C ASP A 166 -9.10 -17.22 -5.96
N GLU A 167 -8.44 -16.83 -7.03
CA GLU A 167 -7.11 -16.22 -6.96
C GLU A 167 -7.00 -14.93 -6.17
N VAL A 168 -5.87 -14.77 -5.47
CA VAL A 168 -5.61 -13.57 -4.69
C VAL A 168 -5.48 -12.36 -5.63
N PRO A 169 -6.23 -11.27 -5.38
CA PRO A 169 -6.10 -10.09 -6.26
C PRO A 169 -4.76 -9.44 -5.98
N LEU A 170 -4.10 -9.00 -7.04
CA LEU A 170 -2.78 -8.44 -6.93
C LEU A 170 -2.70 -7.00 -7.33
N TYR A 171 -2.37 -6.15 -6.36
CA TYR A 171 -2.20 -4.71 -6.64
C TYR A 171 -0.72 -4.49 -6.92
N PHE A 172 -0.40 -3.75 -7.98
CA PHE A 172 0.98 -3.52 -8.37
C PHE A 172 1.27 -2.01 -8.24
N SER A 173 2.28 -1.67 -7.43
CA SER A 173 2.62 -0.28 -7.21
C SER A 173 3.45 0.34 -8.34
N GLY A 174 3.02 1.52 -8.78
CA GLY A 174 3.77 2.26 -9.75
C GLY A 174 3.71 3.71 -9.27
N MET A 175 4.87 4.36 -9.13
CA MET A 175 4.91 5.76 -8.71
C MET A 175 5.31 6.60 -9.93
N GLY A 176 6.39 6.19 -10.59
CA GLY A 176 6.87 6.87 -11.78
C GLY A 176 6.16 6.35 -13.02
N PRO A 177 6.36 7.01 -14.19
CA PRO A 177 5.73 6.60 -15.44
C PRO A 177 6.01 5.16 -15.87
N LYS A 178 7.26 4.71 -15.71
CA LYS A 178 7.59 3.35 -16.12
C LYS A 178 6.98 2.34 -15.16
N GLY A 179 7.02 2.65 -13.86
CA GLY A 179 6.43 1.76 -12.87
C GLY A 179 4.93 1.64 -13.06
N ALA A 180 4.26 2.75 -13.37
CA ALA A 180 2.83 2.75 -13.62
C ALA A 180 2.49 1.89 -14.83
N LYS A 181 3.28 2.01 -15.88
CA LYS A 181 3.01 1.18 -17.05
C LYS A 181 3.20 -0.32 -16.71
N LEU A 182 4.26 -0.64 -15.97
CA LEU A 182 4.49 -2.04 -15.56
C LEU A 182 3.30 -2.53 -14.72
N ALA A 183 2.76 -1.66 -13.88
CA ALA A 183 1.62 -2.05 -13.06
C ALA A 183 0.42 -2.43 -13.93
N GLY A 184 0.23 -1.70 -15.03
CA GLY A 184 -0.89 -2.03 -15.90
C GLY A 184 -0.67 -3.35 -16.63
N MET A 185 0.59 -3.60 -17.00
CA MET A 185 0.92 -4.85 -17.70
C MET A 185 0.82 -6.09 -16.81
N TYR A 186 1.30 -5.98 -15.57
CA TYR A 186 1.38 -7.15 -14.69
C TYR A 186 0.50 -7.22 -13.44
N GLY A 187 -0.12 -6.10 -13.04
CA GLY A 187 -0.97 -6.17 -11.86
C GLY A 187 -2.42 -6.32 -12.26
N ASP A 188 -3.28 -6.60 -11.29
CA ASP A 188 -4.72 -6.68 -11.54
C ASP A 188 -5.25 -5.28 -11.33
N HIS A 189 -4.56 -4.49 -10.51
CA HIS A 189 -5.02 -3.15 -10.17
C HIS A 189 -3.81 -2.31 -9.89
N LEU A 190 -4.00 -0.99 -9.91
CA LEU A 190 -2.92 -0.06 -9.65
C LEU A 190 -2.90 0.30 -8.17
N MET A 191 -1.70 0.46 -7.63
CA MET A 191 -1.51 0.99 -6.28
C MET A 191 -0.50 2.12 -6.47
N THR A 192 -0.75 3.27 -5.85
CA THR A 192 0.24 4.32 -5.93
C THR A 192 0.25 5.11 -4.61
N VAL A 193 1.13 6.10 -4.53
CA VAL A 193 1.34 6.88 -3.30
C VAL A 193 2.17 8.14 -3.62
N ALA A 194 2.05 9.14 -2.75
CA ALA A 194 2.87 10.35 -2.83
C ALA A 194 2.80 11.13 -4.13
N ALA A 195 1.61 11.31 -4.64
CA ALA A 195 1.45 12.09 -5.89
C ALA A 195 0.32 13.09 -5.70
N ALA A 196 0.43 14.24 -6.35
CA ALA A 196 -0.62 15.26 -6.32
C ALA A 196 -1.65 14.89 -7.38
N PRO A 197 -2.90 15.35 -7.26
CA PRO A 197 -3.89 14.98 -8.27
C PRO A 197 -3.49 15.22 -9.72
N SER A 198 -2.75 16.30 -9.99
CA SER A 198 -2.34 16.60 -11.37
C SER A 198 -1.46 15.52 -11.96
N THR A 199 -0.49 15.06 -11.18
CA THR A 199 0.40 13.99 -11.64
C THR A 199 -0.42 12.72 -11.93
N LEU A 200 -1.36 12.41 -11.05
CA LEU A 200 -2.22 11.24 -11.23
C LEU A 200 -3.01 11.29 -12.53
N LYS A 201 -3.68 12.42 -12.75
CA LYS A 201 -4.53 12.61 -13.92
C LYS A 201 -3.75 12.61 -15.24
N ASN A 202 -2.60 13.26 -15.23
CA ASN A 202 -1.79 13.43 -16.44
C ASN A 202 -0.69 12.44 -16.73
N VAL A 203 -0.16 11.76 -15.71
CA VAL A 203 0.93 10.83 -15.94
C VAL A 203 0.65 9.42 -15.46
N THR A 204 0.43 9.28 -14.15
CA THR A 204 0.24 7.96 -13.56
C THR A 204 -0.89 7.12 -14.12
N ILE A 205 -2.11 7.65 -14.13
CA ILE A 205 -3.21 6.83 -14.61
C ILE A 205 -3.13 6.57 -16.11
N PRO A 206 -2.76 7.59 -16.89
CA PRO A 206 -2.65 7.35 -18.34
C PRO A 206 -1.61 6.26 -18.67
N LYS A 207 -0.47 6.31 -17.98
CA LYS A 207 0.59 5.31 -18.20
C LYS A 207 0.14 3.92 -17.76
N PHE A 208 -0.59 3.87 -16.65
CA PHE A 208 -1.09 2.59 -16.18
C PHE A 208 -2.06 2.03 -17.22
N GLU A 209 -2.96 2.86 -17.75
CA GLU A 209 -3.91 2.33 -18.73
C GLU A 209 -3.20 1.94 -20.02
N GLU A 210 -2.14 2.68 -20.36
CA GLU A 210 -1.36 2.36 -21.56
C GLU A 210 -0.74 0.98 -21.40
N GLY A 211 -0.16 0.70 -20.22
CA GLY A 211 0.42 -0.61 -19.96
C GLY A 211 -0.62 -1.72 -20.03
N ALA A 212 -1.80 -1.48 -19.48
CA ALA A 212 -2.87 -2.48 -19.52
C ALA A 212 -3.28 -2.77 -20.96
N ARG A 213 -3.46 -1.73 -21.75
CA ARG A 213 -3.88 -1.96 -23.15
C ARG A 213 -2.81 -2.67 -23.95
N GLU A 214 -1.56 -2.39 -23.67
CA GLU A 214 -0.48 -3.06 -24.40
C GLU A 214 -0.52 -4.54 -24.07
N ALA A 215 -0.92 -4.88 -22.85
CA ALA A 215 -0.97 -6.27 -22.45
C ALA A 215 -2.26 -6.98 -22.81
N GLY A 216 -3.16 -6.28 -23.49
CA GLY A 216 -4.43 -6.91 -23.90
C GLY A 216 -5.53 -6.91 -22.85
N LYS A 217 -5.36 -6.10 -21.81
CA LYS A 217 -6.35 -6.03 -20.72
C LYS A 217 -7.33 -4.89 -20.85
N ASP A 218 -8.49 -5.03 -20.20
CA ASP A 218 -9.52 -4.00 -20.16
C ASP A 218 -9.24 -3.17 -18.93
N PRO A 219 -8.71 -1.95 -19.09
CA PRO A 219 -8.40 -1.10 -17.94
C PRO A 219 -9.62 -0.71 -17.12
N SER A 220 -10.81 -0.85 -17.73
CA SER A 220 -12.05 -0.50 -17.06
C SER A 220 -12.37 -1.37 -15.87
N LYS A 221 -11.75 -2.55 -15.76
CA LYS A 221 -12.02 -3.45 -14.66
C LYS A 221 -10.87 -3.44 -13.66
N MET A 222 -9.96 -2.48 -13.80
CA MET A 222 -8.78 -2.39 -12.96
C MET A 222 -8.86 -1.18 -12.04
N GLU A 223 -8.88 -1.43 -10.73
CA GLU A 223 -8.97 -0.33 -9.77
C GLU A 223 -7.75 0.56 -9.75
N HIS A 224 -7.97 1.78 -9.29
CA HIS A 224 -6.90 2.75 -9.11
C HIS A 224 -6.87 2.99 -7.60
N ALA A 225 -5.98 2.30 -6.89
CA ALA A 225 -5.89 2.43 -5.44
C ALA A 225 -4.76 3.37 -5.08
N MET A 226 -4.89 4.06 -3.94
CA MET A 226 -3.81 4.94 -3.52
C MET A 226 -3.80 5.13 -2.02
N LEU A 227 -2.59 5.13 -1.47
CA LEU A 227 -2.34 5.38 -0.07
C LEU A 227 -2.14 6.90 0.07
N ILE A 228 -2.96 7.50 0.92
CA ILE A 228 -2.85 8.95 1.19
C ILE A 228 -3.05 9.07 2.69
N TRP A 229 -2.20 9.84 3.35
CA TRP A 229 -2.34 10.05 4.78
C TRP A 229 -3.23 11.27 5.02
N TYR A 230 -3.98 11.23 6.12
CA TYR A 230 -4.83 12.34 6.50
C TYR A 230 -4.65 12.66 7.98
N SER A 231 -5.03 13.87 8.35
CA SER A 231 -4.98 14.29 9.74
C SER A 231 -6.15 15.25 9.86
N VAL A 232 -7.08 14.98 10.78
CA VAL A 232 -8.22 15.85 10.94
C VAL A 232 -8.26 16.31 12.39
N ASP A 233 -8.30 17.63 12.59
CA ASP A 233 -8.39 18.18 13.95
C ASP A 233 -8.89 19.60 13.77
N PRO A 234 -9.74 20.08 14.72
CA PRO A 234 -10.28 21.45 14.68
C PRO A 234 -9.18 22.50 14.60
N ASP A 235 -8.03 22.22 15.20
CA ASP A 235 -6.90 23.14 15.16
C ASP A 235 -6.03 22.73 13.94
N TYR A 236 -6.14 23.49 12.85
CA TYR A 236 -5.44 23.20 11.59
C TYR A 236 -3.93 23.02 11.73
N ASP A 237 -3.30 23.90 12.49
CA ASP A 237 -1.85 23.79 12.69
C ASP A 237 -1.47 22.47 13.36
N LYS A 238 -2.25 22.07 14.37
CA LYS A 238 -1.98 20.82 15.08
C LYS A 238 -2.16 19.65 14.09
N ALA A 239 -3.18 19.73 13.25
CA ALA A 239 -3.46 18.68 12.28
C ALA A 239 -2.31 18.52 11.29
N VAL A 240 -1.83 19.64 10.74
CA VAL A 240 -0.73 19.56 9.77
C VAL A 240 0.56 19.01 10.40
N GLU A 241 0.90 19.47 11.60
CA GLU A 241 2.12 19.01 12.25
C GLU A 241 2.10 17.53 12.57
N ALA A 242 0.91 16.99 12.78
CA ALA A 242 0.75 15.58 13.11
C ALA A 242 1.11 14.67 11.94
N LEU A 243 1.29 15.24 10.75
CA LEU A 243 1.65 14.43 9.58
C LEU A 243 3.17 14.30 9.38
N ARG A 244 3.94 14.98 10.23
CA ARG A 244 5.39 14.98 10.17
C ARG A 244 6.03 13.61 10.01
N PHE A 245 5.52 12.66 10.77
CA PHE A 245 5.99 11.26 10.75
C PHE A 245 6.15 10.70 9.33
N TRP A 246 5.24 11.12 8.45
CA TRP A 246 5.19 10.62 7.08
C TRP A 246 5.74 11.56 6.01
N ALA A 247 6.41 12.64 6.44
CA ALA A 247 6.92 13.61 5.47
C ALA A 247 7.98 13.05 4.53
N GLY A 248 8.75 12.09 5.03
CA GLY A 248 9.79 11.49 4.22
C GLY A 248 9.28 10.87 2.95
N CYS A 249 8.01 10.44 2.92
CA CYS A 249 7.44 9.81 1.71
C CYS A 249 7.33 10.80 0.55
N LEU A 250 7.41 12.08 0.87
CA LEU A 250 7.33 13.13 -0.15
C LEU A 250 8.70 13.57 -0.67
N VAL A 251 9.73 12.79 -0.35
CA VAL A 251 11.12 13.05 -0.79
C VAL A 251 11.40 11.88 -1.74
N PRO A 252 11.27 12.11 -3.06
CA PRO A 252 11.50 11.07 -4.08
C PRO A 252 12.80 10.27 -3.95
N SER A 253 13.89 10.91 -3.57
CA SER A 253 15.14 10.17 -3.44
C SER A 253 15.11 9.07 -2.39
N MET A 254 14.16 9.13 -1.45
CA MET A 254 14.07 8.09 -0.42
C MET A 254 13.65 6.74 -1.03
N PHE A 255 13.09 6.76 -2.23
CA PHE A 255 12.67 5.53 -2.92
C PHE A 255 13.73 5.02 -3.90
N LYS A 256 14.85 5.73 -4.01
CA LYS A 256 15.90 5.38 -4.97
C LYS A 256 17.26 5.20 -4.33
N TYR A 257 17.61 6.12 -3.43
CA TYR A 257 18.92 6.05 -2.78
C TYR A 257 19.02 4.98 -1.71
N LYS A 258 20.27 4.64 -1.40
CA LYS A 258 20.58 3.66 -0.38
C LYS A 258 20.62 4.34 0.98
N VAL A 259 19.45 4.73 1.46
CA VAL A 259 19.29 5.38 2.76
C VAL A 259 18.39 4.44 3.56
N TYR A 260 18.92 3.92 4.66
CA TYR A 260 18.19 2.91 5.43
C TYR A 260 18.20 3.08 6.93
N ASP A 261 18.86 4.13 7.42
CA ASP A 261 18.91 4.45 8.84
C ASP A 261 17.74 5.41 9.07
N PRO A 262 16.71 5.00 9.86
CA PRO A 262 15.56 5.87 10.11
C PRO A 262 15.94 7.27 10.68
N LYS A 263 17.09 7.36 11.36
CA LYS A 263 17.49 8.67 11.90
C LYS A 263 17.85 9.57 10.74
N GLU A 264 18.47 9.03 9.70
CA GLU A 264 18.74 9.93 8.58
C GLU A 264 17.50 10.13 7.72
N VAL A 265 16.58 9.16 7.70
CA VAL A 265 15.35 9.39 6.94
C VAL A 265 14.57 10.49 7.64
N GLN A 266 14.62 10.48 8.97
CA GLN A 266 13.93 11.48 9.78
C GLN A 266 14.49 12.88 9.54
N LEU A 267 15.79 12.99 9.34
CA LEU A 267 16.39 14.31 9.08
C LEU A 267 15.74 14.93 7.83
N HIS A 268 15.61 14.12 6.78
CA HIS A 268 15.00 14.54 5.52
C HIS A 268 13.53 14.88 5.70
N ALA A 269 12.82 14.03 6.46
CA ALA A 269 11.40 14.26 6.70
C ALA A 269 11.21 15.62 7.35
N ASN A 270 12.11 15.95 8.26
CA ASN A 270 12.02 17.20 9.01
C ASN A 270 12.38 18.41 8.15
N LEU A 271 12.89 18.20 6.94
CA LEU A 271 13.22 19.31 6.04
C LEU A 271 12.11 19.58 5.02
N VAL A 272 11.10 18.70 4.99
CA VAL A 272 10.00 18.86 4.05
C VAL A 272 9.16 20.09 4.41
N HIS A 273 8.83 20.90 3.40
CA HIS A 273 8.05 22.11 3.62
C HIS A 273 6.56 21.86 3.84
N CYS A 274 5.96 22.69 4.68
CA CYS A 274 4.54 22.57 4.98
C CYS A 274 3.63 22.59 3.77
N ASP A 275 3.95 23.40 2.74
CA ASP A 275 3.08 23.41 1.58
C ASP A 275 3.12 22.08 0.81
N THR A 276 4.27 21.41 0.83
CA THR A 276 4.37 20.09 0.19
C THR A 276 3.41 19.11 0.89
N ILE A 277 3.38 19.17 2.22
CA ILE A 277 2.51 18.30 3.01
C ILE A 277 1.03 18.58 2.71
N LYS A 278 0.67 19.86 2.69
CA LYS A 278 -0.70 20.24 2.45
C LYS A 278 -1.17 19.91 1.04
N GLU A 279 -0.23 19.94 0.10
CA GLU A 279 -0.58 19.64 -1.29
C GLU A 279 -0.82 18.14 -1.56
N ASN A 280 0.02 17.28 -0.97
CA ASN A 280 -0.04 15.83 -1.19
C ASN A 280 -0.91 15.03 -0.22
N TYR A 281 -0.95 15.47 1.02
CA TYR A 281 -1.72 14.79 2.06
C TYR A 281 -3.02 15.51 2.35
N MET A 282 -3.91 14.89 3.13
CA MET A 282 -5.21 15.47 3.43
C MET A 282 -5.23 16.06 4.84
N CYS A 283 -5.14 17.39 4.94
CA CYS A 283 -5.17 18.07 6.25
C CYS A 283 -6.52 18.74 6.33
N ALA A 284 -7.29 18.42 7.36
CA ALA A 284 -8.63 18.95 7.44
C ALA A 284 -9.00 19.32 8.86
N THR A 285 -9.92 20.27 9.00
CA THR A 285 -10.37 20.68 10.32
C THR A 285 -11.70 20.07 10.68
N ASP A 286 -12.42 19.56 9.68
CA ASP A 286 -13.74 18.99 9.90
C ASP A 286 -14.15 18.02 8.80
N ALA A 287 -15.31 17.39 8.92
CA ALA A 287 -15.76 16.41 7.93
C ALA A 287 -15.94 16.98 6.52
N GLU A 288 -16.45 18.19 6.42
CA GLU A 288 -16.68 18.80 5.10
C GLU A 288 -15.39 18.98 4.32
N GLU A 289 -14.34 19.39 5.01
CA GLU A 289 -13.06 19.57 4.33
C GLU A 289 -12.49 18.22 3.92
N MET A 290 -12.72 17.20 4.74
CA MET A 290 -12.24 15.85 4.39
C MET A 290 -12.95 15.36 3.13
N ILE A 291 -14.26 15.58 3.06
CA ILE A 291 -15.04 15.16 1.90
C ILE A 291 -14.49 15.83 0.63
N LYS A 292 -14.21 17.13 0.69
CA LYS A 292 -13.67 17.84 -0.48
C LYS A 292 -12.27 17.38 -0.85
N GLU A 293 -11.48 17.00 0.16
CA GLU A 293 -10.11 16.52 -0.08
C GLU A 293 -10.21 15.21 -0.85
N ILE A 294 -11.11 14.35 -0.42
CA ILE A 294 -11.28 13.05 -1.07
C ILE A 294 -11.83 13.25 -2.48
N GLU A 295 -12.74 14.20 -2.63
CA GLU A 295 -13.31 14.44 -3.94
C GLU A 295 -12.29 14.94 -4.96
N ARG A 296 -11.28 15.70 -4.53
CA ARG A 296 -10.32 16.18 -5.51
C ARG A 296 -9.46 15.01 -6.02
N PHE A 297 -9.30 13.95 -5.21
CA PHE A 297 -8.52 12.80 -5.66
C PHE A 297 -9.42 11.88 -6.47
N LYS A 298 -10.70 11.84 -6.15
CA LYS A 298 -11.65 11.03 -6.92
C LYS A 298 -11.69 11.57 -8.35
N GLU A 299 -11.78 12.89 -8.46
CA GLU A 299 -11.81 13.55 -9.78
C GLU A 299 -10.53 13.26 -10.58
N ALA A 300 -9.39 13.08 -9.90
CA ALA A 300 -8.14 12.76 -10.59
C ALA A 300 -8.08 11.30 -11.07
N GLY A 301 -9.02 10.46 -10.59
CA GLY A 301 -9.05 9.06 -11.01
C GLY A 301 -8.93 7.98 -9.94
N ILE A 302 -8.75 8.37 -8.68
CA ILE A 302 -8.61 7.34 -7.62
C ILE A 302 -9.98 6.80 -7.23
N ASN A 303 -10.14 5.48 -7.15
CA ASN A 303 -11.41 4.89 -6.73
C ASN A 303 -11.29 3.86 -5.61
N HIS A 304 -10.09 3.62 -5.10
CA HIS A 304 -9.98 2.76 -3.91
C HIS A 304 -8.97 3.46 -3.01
N PHE A 305 -9.50 4.17 -2.01
CA PHE A 305 -8.66 4.93 -1.11
C PHE A 305 -8.11 4.09 0.03
N CYS A 306 -6.85 4.27 0.38
CA CYS A 306 -6.23 3.59 1.51
C CYS A 306 -5.81 4.81 2.36
N LEU A 307 -6.63 5.13 3.35
CA LEU A 307 -6.41 6.36 4.12
C LEU A 307 -5.69 6.12 5.45
N GLY A 308 -4.50 6.68 5.56
CA GLY A 308 -3.66 6.50 6.72
C GLY A 308 -3.96 7.60 7.76
N ASN A 309 -4.51 7.17 8.88
CA ASN A 309 -4.90 8.06 9.98
C ASN A 309 -3.68 8.50 10.79
N SER A 310 -3.26 9.75 10.59
CA SER A 310 -2.11 10.30 11.31
C SER A 310 -2.66 11.51 12.12
N SER A 311 -3.91 11.42 12.55
CA SER A 311 -4.55 12.54 13.29
C SER A 311 -4.06 12.63 14.74
N PRO A 312 -4.07 13.85 15.33
CA PRO A 312 -3.63 14.04 16.72
C PRO A 312 -4.46 13.18 17.67
N ASP A 313 -5.75 13.09 17.44
CA ASP A 313 -6.65 12.28 18.26
C ASP A 313 -7.04 11.12 17.34
N VAL A 314 -6.34 9.99 17.51
CA VAL A 314 -6.58 8.85 16.62
C VAL A 314 -8.01 8.37 16.55
N ASN A 315 -8.67 8.23 17.70
CA ASN A 315 -10.05 7.72 17.69
C ASN A 315 -11.04 8.63 16.98
N PHE A 316 -10.86 9.95 17.15
CA PHE A 316 -11.68 10.95 16.46
C PHE A 316 -11.38 10.84 14.94
N GLY A 317 -10.12 10.61 14.60
CA GLY A 317 -9.71 10.46 13.21
C GLY A 317 -10.44 9.30 12.53
N ILE A 318 -10.82 8.30 13.30
CA ILE A 318 -11.58 7.19 12.74
C ILE A 318 -13.07 7.50 12.76
N ASP A 319 -13.57 7.93 13.93
CA ASP A 319 -15.00 8.20 14.14
C ASP A 319 -15.63 9.19 13.19
N ILE A 320 -14.90 10.23 12.88
CA ILE A 320 -15.41 11.29 12.01
C ILE A 320 -15.78 10.73 10.64
N PHE A 321 -15.27 9.55 10.28
CA PHE A 321 -15.64 8.99 8.98
C PHE A 321 -17.07 8.50 8.89
N LYS A 322 -17.77 8.43 10.03
CA LYS A 322 -19.19 8.10 10.00
C LYS A 322 -19.88 9.21 9.17
N GLU A 323 -19.32 10.41 9.21
CA GLU A 323 -19.88 11.55 8.45
C GLU A 323 -19.30 11.64 7.03
N VAL A 324 -18.07 11.17 6.86
CA VAL A 324 -17.40 11.28 5.56
C VAL A 324 -17.79 10.21 4.54
N ILE A 325 -17.78 8.96 4.97
CA ILE A 325 -18.05 7.85 4.08
C ILE A 325 -19.32 7.92 3.22
N PRO A 326 -20.48 8.13 3.84
CA PRO A 326 -21.71 8.20 3.05
C PRO A 326 -21.70 9.32 1.97
N ALA A 327 -20.95 10.39 2.21
CA ALA A 327 -20.90 11.51 1.27
C ALA A 327 -19.98 11.26 0.07
N VAL A 328 -18.97 10.41 0.23
CA VAL A 328 -18.06 10.15 -0.88
C VAL A 328 -18.45 8.87 -1.60
N ARG A 329 -19.46 8.18 -1.04
CA ARG A 329 -20.13 6.98 -1.61
C ARG A 329 -20.00 5.49 -1.20
N ASP A 330 -19.49 5.10 -0.03
CA ASP A 330 -19.45 3.64 0.24
C ASP A 330 -19.22 3.21 1.68
CL CL B . 0.58 2.77 19.56
CL CL C . -0.95 6.04 9.57
K K D . -11.71 -16.81 -2.09
N1 F42 E . 7.34 -0.33 -0.04
C2 F42 E . 7.58 -1.21 0.93
O2 F42 E . 8.54 -1.99 0.82
N3 F42 E . 6.75 -1.22 2.06
C4 F42 E . 5.65 -0.35 2.19
O4 F42 E . 4.95 -0.40 3.20
C4A F42 E . 5.41 0.57 1.12
C5 F42 E . 4.13 1.20 1.01
C5A F42 E . 3.67 1.65 -0.27
C6 F42 E . 2.32 1.97 -0.48
C7 F42 E . 1.82 2.32 -1.78
C8 F42 E . 2.71 2.33 -2.90
O8M F42 E . 2.28 2.63 -4.17
C9 F42 E . 4.07 2.02 -2.70
C9A F42 E . 4.59 1.67 -1.42
N10 F42 E . 5.91 1.21 -1.21
C10 F42 E . 6.27 0.51 -0.04
C1' F42 E . 6.99 1.61 -2.14
C2' F42 E . 7.33 0.55 -3.23
O2' F42 E . 7.97 -0.57 -2.63
C3' F42 E . 8.23 1.06 -4.34
O3' F42 E . 9.30 1.84 -3.78
C4' F42 E . 7.47 1.85 -5.37
O4' F42 E . 6.45 1.05 -5.95
C5' F42 E . 8.43 2.23 -6.49
O5' F42 E . 7.73 2.84 -7.57
P F42 E . 8.29 2.80 -9.02
O1P F42 E . 8.53 1.41 -9.39
O2P F42 E . 7.43 3.64 -9.84
O3P F42 E . 9.69 3.45 -8.90
C1I F42 E . 9.91 4.80 -8.49
C2I F42 E . 11.15 4.85 -7.60
C3I F42 E . 10.10 5.72 -9.69
O3I F42 E . 10.05 6.94 -9.54
N1H F42 E . 10.55 5.15 -10.80
C1H F42 E . 10.66 5.89 -12.06
C2H F42 E . 9.72 5.33 -13.12
O2U F42 E . 9.53 6.01 -14.15
O2T F42 E . 9.19 4.21 -12.92
C3H F42 E . 12.11 5.82 -12.56
C4H F42 E . 13.14 6.45 -11.62
C5H F42 E . 12.90 7.94 -11.41
O5H F42 E . 11.96 8.32 -10.70
N1G F42 E . 13.90 8.74 -11.75
C1G F42 E . 13.74 9.76 -12.78
C2G F42 E . 14.66 9.50 -13.98
O2V F42 E . 15.18 8.36 -14.06
O2W F42 E . 14.58 10.29 -14.94
C3G F42 E . 14.04 11.15 -12.21
C4G F42 E . 13.01 11.65 -11.21
C5G F42 E . 13.44 12.95 -10.54
O6G F42 E . 13.77 13.91 -11.26
O7G F42 E . 13.42 13.02 -9.29
C ACN F . 5.08 2.92 2.77
O ACN F . 6.28 2.85 2.87
C1 ACN F . 4.24 3.20 3.93
C2 ACN F . 4.42 2.74 1.47
#